data_3LQX
#
_entry.id   3LQX
#
_cell.length_a   136.818
_cell.length_b   77.765
_cell.length_c   32.735
_cell.angle_alpha   90.00
_cell.angle_beta   94.08
_cell.angle_gamma   90.00
#
_symmetry.space_group_name_H-M   'C 1 2 1'
#
loop_
_entity.id
_entity.type
_entity.pdbx_description
1 polymer 'Signal recognition particle protein'
2 polymer 'SRP RNA'
3 non-polymer 'POTASSIUM ION'
4 non-polymer 'CHLORIDE ION'
5 non-polymer 'COBALT HEXAMMINE(III)'
6 water water
#
loop_
_entity_poly.entity_id
_entity_poly.type
_entity_poly.pdbx_seq_one_letter_code
_entity_poly.pdbx_strand_id
1 'polypeptide(L)'
;GFDLNDFLEQLRQ(MSE)KN(MSE)GG(MSE)ASL(MSE)GKLPG(MSE)GQIPDNVKSQ(MSE)DDKVLVR(MSE)EAI
INS(MSE)T(MSE)KERAKPEIIKGSRKRRIAAGSG(MSE)QVQDVNRLLKQFDD(MSE)QR(MSE)(MSE)KK(MSE)K
K
;
A
2 'polyribonucleotide' GGCUCUGUUUACCAGGUCAGGUCCGAAAGGAAGCAGCCAAGGCAGAGC(CCC) B
#
loop_
_chem_comp.id
_chem_comp.type
_chem_comp.name
_chem_comp.formula
A RNA linking ADENOSINE-5'-MONOPHOSPHATE 'C10 H14 N5 O7 P'
C RNA linking CYTIDINE-5'-MONOPHOSPHATE 'C9 H14 N3 O8 P'
CCC RNA linking 'CYTIDINE-5'-PHOSPHATE-2',3'-CYCLIC PHOSPHATE' 'C9 H13 N3 O10 P2'
CL non-polymer 'CHLORIDE ION' 'Cl -1'
G RNA linking GUANOSINE-5'-MONOPHOSPHATE 'C10 H14 N5 O8 P'
K non-polymer 'POTASSIUM ION' 'K 1'
NCO non-polymer 'COBALT HEXAMMINE(III)' 'Co H18 N6 3'
U RNA linking URIDINE-5'-MONOPHOSPHATE 'C9 H13 N2 O9 P'
#
# COMPACT_ATOMS: atom_id res chain seq x y z
N PHE A 2 4.01 -3.82 -12.43
CA PHE A 2 4.36 -3.92 -10.98
C PHE A 2 3.23 -3.35 -10.11
N ASP A 3 2.71 -4.18 -9.21
CA ASP A 3 1.63 -3.78 -8.30
C ASP A 3 1.93 -4.05 -6.81
N LEU A 4 0.92 -3.90 -5.96
CA LEU A 4 1.10 -4.12 -4.51
C LEU A 4 1.19 -5.58 -4.09
N ASN A 5 0.87 -6.51 -5.00
CA ASN A 5 0.97 -7.95 -4.74
C ASN A 5 2.44 -8.35 -4.84
N ASP A 6 3.16 -7.66 -5.72
CA ASP A 6 4.58 -7.88 -5.96
C ASP A 6 5.42 -7.16 -4.90
N PHE A 7 4.90 -6.04 -4.39
CA PHE A 7 5.56 -5.24 -3.34
C PHE A 7 5.43 -5.93 -1.98
N LEU A 8 4.40 -6.76 -1.83
CA LEU A 8 4.11 -7.53 -0.61
C LEU A 8 5.16 -8.64 -0.45
N GLU A 9 5.59 -9.20 -1.59
CA GLU A 9 6.58 -10.26 -1.65
C GLU A 9 8.02 -9.77 -1.46
N GLN A 10 8.21 -8.45 -1.51
CA GLN A 10 9.53 -7.82 -1.35
C GLN A 10 9.89 -7.59 0.12
N LYS A 44 9.40 -4.96 12.95
CA LYS A 44 8.15 -4.30 13.35
C LYS A 44 7.64 -3.38 12.24
N VAL A 45 8.57 -2.87 11.43
CA VAL A 45 8.27 -1.97 10.32
C VAL A 45 7.83 -2.73 9.07
N LEU A 46 8.40 -3.91 8.84
CA LEU A 46 8.05 -4.76 7.68
C LEU A 46 6.71 -5.47 7.87
N VAL A 47 6.37 -5.79 9.12
CA VAL A 47 5.12 -6.48 9.48
C VAL A 47 3.93 -5.53 9.41
N ARG A 48 4.16 -4.28 9.80
CA ARG A 48 3.16 -3.20 9.79
C ARG A 48 2.77 -2.83 8.36
N MSE A 49 3.76 -2.90 7.47
CA MSE A 49 3.60 -2.60 6.05
C MSE A 49 2.81 -3.67 5.31
O MSE A 49 2.03 -3.36 4.41
CB MSE A 49 4.97 -2.40 5.40
CG MSE A 49 5.51 -1.00 5.56
SE MSE A 49 7.34 -0.79 4.94
CE MSE A 49 7.25 -1.73 3.24
N GLU A 50 3.00 -4.94 5.72
CA GLU A 50 2.29 -6.09 5.16
C GLU A 50 0.84 -6.06 5.61
N ALA A 51 0.63 -5.54 6.82
CA ALA A 51 -0.70 -5.41 7.44
C ALA A 51 -1.60 -4.45 6.66
N ILE A 52 -1.03 -3.33 6.23
CA ILE A 52 -1.72 -2.30 5.45
C ILE A 52 -2.23 -2.89 4.12
N ILE A 53 -1.37 -3.70 3.49
CA ILE A 53 -1.70 -4.36 2.22
C ILE A 53 -2.74 -5.47 2.46
N ASN A 54 -2.71 -6.09 3.64
CA ASN A 54 -3.66 -7.15 4.02
C ASN A 54 -5.08 -6.63 4.24
N SER A 55 -5.20 -5.31 4.40
CA SER A 55 -6.48 -4.63 4.59
C SER A 55 -7.14 -4.18 3.29
N MSE A 56 -6.40 -4.33 2.19
CA MSE A 56 -6.86 -3.95 0.86
C MSE A 56 -7.63 -5.05 0.15
O MSE A 56 -7.53 -6.23 0.50
CB MSE A 56 -5.67 -3.57 -0.02
CG MSE A 56 -4.87 -2.39 0.46
SE MSE A 56 -3.40 -2.04 -0.73
CE MSE A 56 -2.60 -0.60 0.30
N THR A 57 -8.42 -4.66 -0.86
CA THR A 57 -9.18 -5.60 -1.68
C THR A 57 -8.23 -6.00 -2.82
N MSE A 58 -8.57 -7.06 -3.57
CA MSE A 58 -7.71 -7.49 -4.68
C MSE A 58 -7.61 -6.42 -5.78
O MSE A 58 -6.55 -6.25 -6.37
CB MSE A 58 -8.18 -8.83 -5.25
CG MSE A 58 -7.89 -10.03 -4.33
SE MSE A 58 -6.04 -10.17 -3.70
CE MSE A 58 -5.23 -10.83 -5.35
N LYS A 59 -8.68 -5.65 -5.94
CA LYS A 59 -8.73 -4.55 -6.91
C LYS A 59 -7.78 -3.41 -6.53
N GLU A 60 -7.70 -3.14 -5.22
CA GLU A 60 -6.81 -2.11 -4.66
C GLU A 60 -5.34 -2.51 -4.79
N ARG A 61 -5.07 -3.80 -4.63
CA ARG A 61 -3.72 -4.35 -4.74
C ARG A 61 -3.26 -4.37 -6.20
N ALA A 62 -4.20 -4.63 -7.11
CA ALA A 62 -3.96 -4.70 -8.56
C ALA A 62 -3.87 -3.34 -9.25
N LYS A 63 -4.58 -2.35 -8.70
CA LYS A 63 -4.66 -0.99 -9.25
C LYS A 63 -4.57 0.01 -8.07
N PRO A 64 -3.34 0.23 -7.52
CA PRO A 64 -3.11 1.14 -6.38
C PRO A 64 -3.53 2.60 -6.54
N GLU A 65 -3.70 3.04 -7.79
CA GLU A 65 -4.09 4.41 -8.09
C GLU A 65 -5.51 4.76 -7.62
N ILE A 66 -6.39 3.74 -7.52
CA ILE A 66 -7.77 3.94 -7.08
C ILE A 66 -7.90 4.28 -5.59
N ILE A 67 -6.83 4.04 -4.82
CA ILE A 67 -6.82 4.31 -3.38
C ILE A 67 -6.76 5.81 -3.07
N LYS A 68 -7.95 6.39 -2.89
CA LYS A 68 -8.11 7.81 -2.56
C LYS A 68 -8.43 7.93 -1.07
N GLY A 69 -8.91 9.10 -0.66
CA GLY A 69 -9.22 9.39 0.73
C GLY A 69 -10.05 8.40 1.54
N SER A 70 -11.21 8.03 1.01
CA SER A 70 -12.13 7.11 1.68
C SER A 70 -11.54 5.70 1.84
N ARG A 71 -10.83 5.23 0.81
CA ARG A 71 -10.18 3.93 0.85
C ARG A 71 -9.01 3.93 1.83
N LYS A 72 -8.26 5.04 1.91
CA LYS A 72 -7.12 5.18 2.84
C LYS A 72 -7.59 5.08 4.31
N ARG A 73 -8.76 5.65 4.59
CA ARG A 73 -9.35 5.63 5.93
C ARG A 73 -9.82 4.24 6.33
N ARG A 74 -10.38 3.50 5.37
CA ARG A 74 -10.86 2.14 5.62
C ARG A 74 -9.66 1.23 5.90
N ILE A 75 -8.62 1.35 5.07
CA ILE A 75 -7.39 0.58 5.20
C ILE A 75 -6.64 0.90 6.50
N ALA A 76 -6.58 2.18 6.86
CA ALA A 76 -5.89 2.64 8.06
C ALA A 76 -6.48 2.03 9.33
N ALA A 77 -7.80 2.20 9.50
CA ALA A 77 -8.52 1.68 10.66
C ALA A 77 -8.52 0.15 10.68
N GLY A 78 -8.58 -0.44 9.49
CA GLY A 78 -8.58 -1.89 9.34
C GLY A 78 -7.27 -2.58 9.66
N SER A 79 -6.18 -1.85 9.51
CA SER A 79 -4.83 -2.35 9.80
C SER A 79 -4.32 -1.82 11.14
N GLY A 80 -5.20 -1.08 11.84
CA GLY A 80 -4.88 -0.50 13.14
C GLY A 80 -3.85 0.62 13.09
N MSE A 81 -3.68 1.20 11.90
CA MSE A 81 -2.73 2.27 11.65
C MSE A 81 -3.48 3.58 11.45
O MSE A 81 -4.71 3.64 11.61
CB MSE A 81 -1.91 1.95 10.39
CG MSE A 81 -1.11 0.64 10.43
SE MSE A 81 0.27 0.58 11.80
CE MSE A 81 0.34 -1.28 12.13
N GLN A 82 -2.74 4.64 11.16
CA GLN A 82 -3.31 5.97 10.91
C GLN A 82 -3.20 6.22 9.41
N VAL A 83 -3.93 7.21 8.91
CA VAL A 83 -3.92 7.56 7.48
C VAL A 83 -2.52 7.93 7.00
N GLN A 84 -1.70 8.53 7.89
CA GLN A 84 -0.32 8.92 7.54
C GLN A 84 0.57 7.71 7.24
N ASP A 85 0.31 6.59 7.92
CA ASP A 85 1.07 5.34 7.73
C ASP A 85 0.75 4.72 6.37
N VAL A 86 -0.51 4.87 5.92
CA VAL A 86 -0.97 4.38 4.62
C VAL A 86 -0.34 5.25 3.51
N ASN A 87 -0.30 6.57 3.77
CA ASN A 87 0.30 7.54 2.84
C ASN A 87 1.77 7.22 2.59
N ARG A 88 2.48 6.89 3.68
CA ARG A 88 3.89 6.54 3.63
C ARG A 88 4.15 5.24 2.85
N LEU A 89 3.31 4.22 3.10
CA LEU A 89 3.40 2.92 2.41
C LEU A 89 3.12 3.06 0.91
N LEU A 90 2.12 3.87 0.58
CA LEU A 90 1.73 4.13 -0.81
C LEU A 90 2.80 4.91 -1.56
N LYS A 91 3.50 5.79 -0.82
CA LYS A 91 4.58 6.59 -1.39
C LYS A 91 5.81 5.71 -1.61
N GLN A 92 6.08 4.81 -0.65
CA GLN A 92 7.21 3.88 -0.74
C GLN A 92 7.00 2.89 -1.87
N PHE A 93 5.73 2.58 -2.17
CA PHE A 93 5.38 1.70 -3.28
C PHE A 93 5.60 2.47 -4.58
N ASP A 94 5.18 3.74 -4.59
CA ASP A 94 5.31 4.60 -5.76
C ASP A 94 6.77 4.87 -6.11
N ASP A 95 7.65 4.89 -5.11
CA ASP A 95 9.09 5.09 -5.30
C ASP A 95 9.69 3.84 -5.92
N MSE A 96 9.17 2.68 -5.50
CA MSE A 96 9.60 1.37 -6.00
C MSE A 96 9.07 1.14 -7.42
O MSE A 96 9.82 0.70 -8.29
CB MSE A 96 9.15 0.27 -5.05
CG MSE A 96 9.71 -1.12 -5.36
SE MSE A 96 11.65 -1.21 -5.43
CE MSE A 96 12.00 -1.82 -3.62
N GLN A 97 7.80 1.51 -7.66
CA GLN A 97 7.16 1.36 -8.97
C GLN A 97 7.83 2.21 -10.05
N ARG A 98 8.30 3.40 -9.64
CA ARG A 98 9.00 4.34 -10.54
C ARG A 98 10.43 3.89 -10.84
N MSE A 99 11.00 3.09 -9.94
CA MSE A 99 12.36 2.56 -10.08
C MSE A 99 12.30 1.31 -10.98
O MSE A 99 13.24 1.05 -11.73
CB MSE A 99 12.95 2.19 -8.72
CG MSE A 99 14.48 2.17 -8.70
SE MSE A 99 15.20 1.30 -7.13
CE MSE A 99 14.87 2.68 -5.81
N MSE A 100 11.18 0.58 -10.91
CA MSE A 100 10.96 -0.62 -11.72
C MSE A 100 10.62 -0.21 -13.16
O MSE A 100 10.88 -0.97 -14.10
CB MSE A 100 9.82 -1.47 -11.16
CG MSE A 100 10.04 -2.09 -9.77
SE MSE A 100 11.61 -3.23 -9.56
CE MSE A 100 10.87 -4.92 -10.17
N LYS A 101 10.08 1.00 -13.32
CA LYS A 101 9.71 1.56 -14.62
C LYS A 101 10.92 2.21 -15.31
N LYS A 102 12.03 2.33 -14.56
CA LYS A 102 13.26 2.91 -15.08
C LYS A 102 14.28 1.84 -15.50
N MSE A 103 14.09 0.61 -15.03
CA MSE A 103 14.97 -0.51 -15.37
C MSE A 103 14.24 -1.72 -15.95
O MSE A 103 14.75 -2.29 -16.94
CB MSE A 103 15.83 -0.92 -14.15
CG MSE A 103 15.08 -1.32 -12.90
SE MSE A 103 16.20 -1.35 -11.32
CE MSE A 103 16.69 -3.23 -11.35
PC CCC B 49 -50.35 -20.95 -4.84
O1C CCC B 49 -50.33 -21.62 -3.52
O2C CCC B 49 -51.57 -20.09 -4.91
P CCC B 49 -47.58 -24.84 -9.55
OP1 CCC B 49 -47.50 -24.22 -10.90
OP2 CCC B 49 -48.58 -25.91 -9.28
O5' CCC B 49 -47.80 -23.66 -8.50
C5' CCC B 49 -47.92 -23.93 -7.10
C4' CCC B 49 -48.04 -22.63 -6.33
O4' CCC B 49 -46.85 -21.83 -6.54
C3' CCC B 49 -49.20 -21.72 -6.72
O3' CCC B 49 -50.38 -22.06 -6.01
C2' CCC B 49 -48.71 -20.34 -6.31
O2' CCC B 49 -49.03 -20.03 -4.96
C1' CCC B 49 -47.19 -20.45 -6.50
N1 CCC B 49 -46.66 -19.79 -7.71
C2 CCC B 49 -46.37 -18.42 -7.65
O2 CCC B 49 -46.57 -17.80 -6.60
N3 CCC B 49 -45.86 -17.82 -8.75
C4 CCC B 49 -45.65 -18.52 -9.87
N4 CCC B 49 -45.14 -17.87 -10.93
C5 CCC B 49 -45.96 -19.91 -9.96
C6 CCC B 49 -46.46 -20.49 -8.86
K K C . -13.84 -8.49 8.35
K K D . -17.57 -6.59 9.24
CL CL E . -30.94 -13.64 -6.52
CO NCO F . -27.46 -14.34 -4.34
N1 NCO F . -28.06 -12.59 -4.99
N2 NCO F . -26.87 -16.09 -3.69
N3 NCO F . -27.25 -13.60 -2.53
N4 NCO F . -27.69 -15.08 -6.14
N5 NCO F . -29.31 -14.81 -3.93
N6 NCO F . -25.62 -13.87 -4.74
CO NCO G . -20.56 -5.63 4.65
N1 NCO G . -21.72 -4.05 4.79
N2 NCO G . -19.40 -7.20 4.51
N3 NCO G . -20.70 -5.91 6.59
N4 NCO G . -20.41 -5.34 2.71
N5 NCO G . -22.13 -6.77 4.36
N6 NCO G . -18.98 -4.49 4.93
CO NCO H . -5.00 -11.31 16.83
N1 NCO H . -6.71 -10.41 17.12
N2 NCO H . -3.27 -12.20 16.55
N3 NCO H . -4.82 -11.59 18.77
N4 NCO H . -5.17 -11.03 14.89
N5 NCO H . -5.92 -13.04 16.67
N6 NCO H . -4.07 -9.59 16.99
CO NCO I . 1.42 -3.60 24.67
N1 NCO I . -0.53 -3.56 24.72
N2 NCO I . 3.38 -3.63 24.60
N3 NCO I . 1.50 -2.24 26.07
N4 NCO I . 1.35 -4.96 23.25
N5 NCO I . 1.44 -5.01 26.02
N6 NCO I . 1.41 -2.18 23.30
CO NCO J . -3.45 -11.73 23.55
N1 NCO J . -4.98 -12.01 24.74
N2 NCO J . -1.93 -11.45 22.33
N3 NCO J . -2.38 -11.06 25.05
N4 NCO J . -4.52 -12.39 22.03
N5 NCO J . -2.83 -13.55 23.91
N6 NCO J . -4.07 -9.90 23.18
CO NCO K . -15.68 -10.18 18.49
N1 NCO K . -15.67 -9.77 20.41
N2 NCO K . -15.69 -10.60 16.56
N3 NCO K . -15.17 -8.33 18.08
N4 NCO K . -16.19 -12.04 18.91
N5 NCO K . -13.79 -10.68 18.59
N6 NCO K . -17.58 -9.68 18.39
CO NCO L . -34.80 -12.98 -6.05
N1 NCO L . -35.70 -12.06 -7.52
N2 NCO L . -33.88 -13.90 -4.58
N3 NCO L . -35.73 -11.83 -4.75
N4 NCO L . -33.86 -14.12 -7.34
N5 NCO L . -36.26 -14.28 -5.95
N6 NCO L . -33.33 -11.69 -6.14
CO NCO M . -41.55 -14.32 -13.60
N1 NCO M . -42.67 -15.38 -14.82
N2 NCO M . -40.42 -13.27 -12.38
N3 NCO M . -43.15 -13.50 -12.82
N4 NCO M . -39.93 -15.14 -14.38
N5 NCO M . -41.65 -15.76 -12.27
N6 NCO M . -41.46 -12.88 -14.93
#